data_2GZQ
#
_entry.id   2GZQ
#
_cell.length_a   39.309
_cell.length_b   54.110
_cell.length_c   94.377
_cell.angle_alpha   90.000
_cell.angle_beta   90.000
_cell.angle_gamma   90.000
#
_symmetry.space_group_name_H-M   'P 21 21 21'
#
loop_
_entity.id
_entity.type
_entity.pdbx_description
1 polymer 'Phosphatidylethanolamine-binding protein'
2 water water
#
_entity_poly.entity_id   1
_entity_poly.type   'polypeptide(L)'
_entity_poly.pdbx_seq_one_letter_code
;(MSE)AHHHHHH(MSE)GGPPTIEELKREKIIPHVFPDENVDLTVD(MSE)YISFKSGKEVNHGNILDLAGTGSVPRNIK
FSEEPPEDYCYILF(MSE)IDPDFPSRRRPDGRDYVHWAVSGIKSKELVKGTDKNCITLLPYVGPSIKKGTGLHRISFIL
SLVKEENKGNVTGVPLYRGEHYITRVKFNNCQSAYNVIQ(MSE)ND(MSE)KIVGFNWCQ(MSE)RRK
;
_entity_poly.pdbx_strand_id   A
#
# COMPACT_ATOMS: atom_id res chain seq x y z
N GLY A 10 -3.08 -15.19 -6.78
CA GLY A 10 -4.26 -15.88 -7.39
C GLY A 10 -4.48 -15.42 -8.82
N GLY A 11 -3.46 -14.80 -9.40
CA GLY A 11 -3.60 -13.48 -9.95
C GLY A 11 -4.17 -12.51 -8.93
N PRO A 12 -4.59 -11.32 -9.40
CA PRO A 12 -5.10 -10.27 -8.54
C PRO A 12 -6.31 -10.76 -7.75
N PRO A 13 -6.49 -10.23 -6.52
N PRO A 13 -6.55 -10.16 -6.57
CA PRO A 13 -7.72 -10.42 -5.77
CA PRO A 13 -7.72 -10.60 -5.86
C PRO A 13 -8.95 -10.16 -6.62
C PRO A 13 -8.97 -10.16 -6.59
N THR A 14 -10.03 -10.92 -6.39
CA THR A 14 -11.29 -10.62 -7.02
C THR A 14 -12.13 -9.69 -6.15
N ILE A 15 -13.09 -9.03 -6.78
CA ILE A 15 -14.03 -8.18 -6.04
C ILE A 15 -14.75 -8.96 -4.95
N GLU A 16 -15.19 -10.16 -5.29
CA GLU A 16 -15.89 -10.96 -4.30
CA GLU A 16 -15.87 -11.05 -4.34
C GLU A 16 -15.02 -11.29 -3.09
N GLU A 17 -13.74 -11.60 -3.31
CA GLU A 17 -12.80 -11.83 -2.23
C GLU A 17 -12.68 -10.60 -1.33
N LEU A 18 -12.53 -9.45 -1.96
CA LEU A 18 -12.39 -8.22 -1.21
C LEU A 18 -13.65 -7.86 -0.43
N LYS A 19 -14.81 -8.15 -0.98
CA LYS A 19 -16.06 -7.95 -0.25
C LYS A 19 -16.17 -8.90 0.93
N ARG A 20 -15.78 -10.14 0.75
CA ARG A 20 -15.87 -11.11 1.83
CA ARG A 20 -15.91 -11.09 1.86
C ARG A 20 -15.12 -10.62 3.06
N GLU A 21 -13.92 -10.06 2.81
CA GLU A 21 -13.01 -9.60 3.87
C GLU A 21 -13.25 -8.17 4.31
N LYS A 22 -14.25 -7.53 3.69
CA LYS A 22 -14.63 -6.13 3.92
C LYS A 22 -13.53 -5.13 3.56
N ILE A 23 -12.57 -5.55 2.77
CA ILE A 23 -11.68 -4.61 2.17
CA ILE A 23 -11.65 -4.64 2.07
C ILE A 23 -12.43 -3.63 1.25
N ILE A 24 -13.48 -4.10 0.60
CA ILE A 24 -14.55 -3.23 0.17
C ILE A 24 -15.65 -3.43 1.21
N PRO A 25 -16.10 -2.38 1.91
CA PRO A 25 -15.81 -0.95 1.68
C PRO A 25 -14.78 -0.28 2.58
N HIS A 26 -14.07 -1.01 3.44
CA HIS A 26 -13.24 -0.38 4.48
C HIS A 26 -12.00 0.29 3.91
N VAL A 27 -11.43 -0.30 2.85
CA VAL A 27 -10.28 0.27 2.19
C VAL A 27 -10.66 0.92 0.86
N PHE A 28 -11.41 0.19 0.04
CA PHE A 28 -11.93 0.73 -1.21
C PHE A 28 -13.44 0.86 -1.06
N PRO A 29 -13.99 2.07 -1.16
CA PRO A 29 -15.40 2.23 -0.79
CA PRO A 29 -15.40 2.31 -0.82
C PRO A 29 -16.39 1.56 -1.72
N ASP A 30 -15.98 1.20 -2.93
CA ASP A 30 -16.91 0.50 -3.83
C ASP A 30 -16.21 -0.49 -4.77
N GLU A 31 -17.00 -1.11 -5.61
CA GLU A 31 -16.60 -2.31 -6.30
C GLU A 31 -15.98 -2.01 -7.64
N ASN A 32 -15.81 -0.73 -7.99
CA ASN A 32 -15.36 -0.38 -9.32
C ASN A 32 -13.85 -0.26 -9.52
N VAL A 33 -13.10 -0.95 -8.70
CA VAL A 33 -11.65 -0.97 -8.88
C VAL A 33 -11.24 -1.99 -9.93
N ASP A 34 -10.24 -1.63 -10.74
CA ASP A 34 -9.85 -2.39 -11.91
C ASP A 34 -8.54 -3.11 -11.61
N LEU A 35 -8.62 -4.23 -10.90
CA LEU A 35 -7.44 -4.91 -10.40
C LEU A 35 -6.94 -5.89 -11.44
N THR A 36 -5.88 -5.50 -12.13
CA THR A 36 -5.36 -6.29 -13.23
C THR A 36 -3.88 -6.65 -13.11
N VAL A 37 -3.16 -6.02 -12.20
CA VAL A 37 -1.73 -6.21 -12.09
C VAL A 37 -1.48 -7.01 -10.84
N ASP A 38 -0.94 -8.21 -11.00
CA ASP A 38 -0.62 -9.06 -9.85
C ASP A 38 0.62 -8.52 -9.16
N MSE A 39 0.64 -8.63 -7.85
CA MSE A 39 1.73 -8.13 -7.05
CA MSE A 39 1.69 -8.10 -6.99
CA MSE A 39 1.70 -8.13 -7.02
C MSE A 39 2.18 -9.19 -6.05
O MSE A 39 1.45 -9.56 -5.12
CB MSE A 39 1.35 -6.79 -6.40
CB MSE A 39 1.12 -6.94 -6.17
CB MSE A 39 1.19 -6.94 -6.23
CG MSE A 39 2.38 -6.27 -5.43
CG MSE A 39 1.95 -5.67 -6.20
CG MSE A 39 2.23 -6.29 -5.40
SE MSE A 39 1.98 -4.45 -4.85
SE MSE A 39 1.38 -4.65 -4.68
SE MSE A 39 1.66 -4.48 -5.20
CE MSE A 39 -0.07 -4.56 -4.63
CE MSE A 39 0.46 -4.54 -4.48
CE MSE A 39 -0.39 -4.77 -5.21
N TYR A 40 3.37 -9.70 -6.28
CA TYR A 40 4.05 -10.64 -5.39
C TYR A 40 4.90 -9.83 -4.42
N ILE A 41 4.81 -10.16 -3.13
CA ILE A 41 5.49 -9.40 -2.07
C ILE A 41 6.13 -10.35 -1.10
N SER A 42 7.46 -10.28 -0.98
CA SER A 42 8.23 -11.15 -0.09
C SER A 42 9.05 -10.27 0.86
N PHE A 43 8.78 -10.37 2.15
CA PHE A 43 9.65 -9.73 3.13
C PHE A 43 11.03 -10.35 3.12
N LYS A 44 11.06 -11.66 3.04
CA LYS A 44 12.28 -12.48 3.04
C LYS A 44 11.83 -13.88 2.65
N SER A 45 12.76 -14.78 2.38
CA SER A 45 12.37 -16.10 1.89
C SER A 45 11.38 -16.72 2.85
N GLY A 46 10.23 -17.17 2.33
CA GLY A 46 9.27 -17.87 3.15
C GLY A 46 8.28 -16.94 3.86
N LYS A 47 8.36 -15.65 3.60
CA LYS A 47 7.45 -14.71 4.27
C LYS A 47 6.83 -13.77 3.27
N GLU A 48 5.72 -14.23 2.72
CA GLU A 48 5.06 -13.61 1.57
C GLU A 48 3.67 -13.08 1.94
N VAL A 49 3.27 -11.98 1.32
CA VAL A 49 1.95 -11.42 1.49
C VAL A 49 1.08 -12.01 0.37
N ASN A 50 0.05 -12.76 0.73
CA ASN A 50 -0.69 -13.57 -0.24
C ASN A 50 -2.18 -13.68 0.08
N HIS A 51 -2.93 -12.62 -0.24
CA HIS A 51 -4.40 -12.66 -0.20
C HIS A 51 -4.95 -13.01 1.16
N GLY A 52 -4.46 -12.34 2.20
CA GLY A 52 -5.07 -12.46 3.49
C GLY A 52 -4.54 -13.60 4.34
N ASN A 53 -3.42 -14.21 3.96
CA ASN A 53 -2.73 -15.12 4.84
C ASN A 53 -2.30 -14.43 6.14
N ILE A 54 -2.08 -15.24 7.16
CA ILE A 54 -1.61 -14.76 8.45
C ILE A 54 -0.10 -14.68 8.40
N LEU A 55 0.44 -13.51 8.67
CA LEU A 55 1.87 -13.34 8.80
C LEU A 55 2.20 -12.92 10.21
N ASP A 56 3.28 -13.49 10.74
CA ASP A 56 3.82 -13.08 12.03
C ASP A 56 4.39 -11.68 11.89
N LEU A 57 4.19 -10.89 12.94
CA LEU A 57 4.76 -9.56 13.05
C LEU A 57 6.28 -9.60 12.99
N ALA A 58 6.87 -10.61 13.61
CA ALA A 58 8.30 -10.74 13.56
C ALA A 58 8.78 -10.77 12.11
N GLY A 59 9.87 -10.06 11.83
CA GLY A 59 10.48 -10.06 10.53
C GLY A 59 9.87 -9.06 9.54
N THR A 60 9.02 -8.13 10.02
CA THR A 60 8.43 -7.09 9.18
C THR A 60 8.97 -5.69 9.43
N GLY A 61 10.08 -5.62 10.14
CA GLY A 61 10.70 -4.34 10.48
C GLY A 61 11.39 -3.62 9.32
N SER A 62 11.68 -4.34 8.24
CA SER A 62 12.27 -3.73 7.05
C SER A 62 11.40 -3.82 5.81
N VAL A 63 11.67 -2.95 4.87
CA VAL A 63 10.93 -2.92 3.62
C VAL A 63 11.00 -4.29 2.96
N PRO A 64 9.94 -4.75 2.30
CA PRO A 64 10.04 -6.04 1.63
C PRO A 64 11.26 -6.16 0.74
N ARG A 65 11.96 -7.27 0.81
CA ARG A 65 13.16 -7.45 0.01
C ARG A 65 12.81 -7.54 -1.47
N ASN A 66 11.74 -8.24 -1.81
CA ASN A 66 11.39 -8.47 -3.21
C ASN A 66 9.93 -8.25 -3.47
N ILE A 67 9.61 -7.37 -4.41
CA ILE A 67 8.27 -7.20 -4.91
C ILE A 67 8.33 -7.38 -6.40
N LYS A 68 7.36 -8.09 -6.95
CA LYS A 68 7.30 -8.32 -8.41
CA LYS A 68 7.31 -8.29 -8.40
C LYS A 68 5.91 -8.07 -8.92
N PHE A 69 5.84 -7.41 -10.06
CA PHE A 69 4.58 -7.06 -10.70
C PHE A 69 4.40 -7.89 -11.96
N SER A 70 3.16 -8.22 -12.30
CA SER A 70 2.96 -9.04 -13.51
C SER A 70 3.18 -8.27 -14.80
N GLU A 71 3.18 -6.95 -14.77
CA GLU A 71 3.46 -6.16 -15.97
C GLU A 71 4.03 -4.83 -15.59
N GLU A 72 4.78 -4.24 -16.51
CA GLU A 72 5.28 -2.89 -16.39
C GLU A 72 4.13 -1.90 -16.54
N PRO A 73 4.28 -0.70 -15.97
CA PRO A 73 3.23 0.32 -16.21
C PRO A 73 3.23 0.76 -17.66
N PRO A 74 2.13 1.33 -18.16
CA PRO A 74 2.10 1.91 -19.49
C PRO A 74 3.18 2.97 -19.70
N GLU A 75 3.55 3.17 -20.94
CA GLU A 75 4.50 4.19 -21.30
C GLU A 75 4.07 5.54 -20.75
N ASP A 76 5.04 6.24 -20.17
CA ASP A 76 4.84 7.55 -19.53
C ASP A 76 4.02 7.55 -18.26
N TYR A 77 3.73 6.36 -17.75
CA TYR A 77 3.16 6.17 -16.43
C TYR A 77 4.13 5.39 -15.55
N CYS A 78 3.92 5.49 -14.25
CA CYS A 78 4.66 4.66 -13.34
CA CYS A 78 4.70 4.81 -13.22
C CYS A 78 3.73 4.19 -12.23
N TYR A 79 4.19 3.21 -11.48
CA TYR A 79 3.45 2.80 -10.29
C TYR A 79 3.80 3.66 -9.10
N ILE A 80 2.78 3.84 -8.29
CA ILE A 80 2.91 4.34 -6.92
C ILE A 80 2.29 3.31 -5.99
N LEU A 81 3.02 2.98 -4.93
CA LEU A 81 2.67 1.90 -4.02
C LEU A 81 2.54 2.46 -2.61
N PHE A 82 1.43 2.14 -1.96
CA PHE A 82 1.20 2.52 -0.60
C PHE A 82 1.04 1.25 0.22
N MSE A 83 1.63 1.17 1.41
CA MSE A 83 1.28 0.18 2.35
CA MSE A 83 1.32 0.11 2.41
C MSE A 83 0.61 0.83 3.56
O MSE A 83 1.13 1.82 4.10
CB MSE A 83 2.56 -0.49 2.76
CB MSE A 83 2.58 -0.64 2.95
CG MSE A 83 2.40 -1.54 3.76
CG MSE A 83 2.24 -1.84 3.90
SE MSE A 83 4.12 -1.82 4.43
SE MSE A 83 3.63 -3.04 4.60
CE MSE A 83 3.70 -3.06 5.86
CE MSE A 83 3.85 -2.35 6.34
N ILE A 84 -0.55 0.30 3.94
CA ILE A 84 -1.39 0.87 4.97
C ILE A 84 -1.88 -0.16 5.97
N ASP A 85 -2.26 0.33 7.13
CA ASP A 85 -3.07 -0.42 8.09
C ASP A 85 -4.41 0.29 8.25
N PRO A 86 -5.48 -0.27 7.69
CA PRO A 86 -6.80 0.29 7.89
C PRO A 86 -7.38 0.01 9.27
N ASP A 87 -6.70 -0.82 10.03
CA ASP A 87 -7.19 -1.31 11.32
C ASP A 87 -6.37 -0.79 12.47
N PHE A 88 -5.96 0.46 12.36
CA PHE A 88 -5.07 1.10 13.33
C PHE A 88 -5.81 2.11 14.18
N PRO A 89 -5.59 2.11 15.49
CA PRO A 89 -4.73 1.22 16.25
C PRO A 89 -5.27 -0.17 16.46
N SER A 90 -6.58 -0.35 16.32
CA SER A 90 -7.13 -1.68 16.48
C SER A 90 -8.23 -1.94 15.48
N ARG A 91 -8.51 -3.21 15.27
CA ARG A 91 -9.54 -3.63 14.37
C ARG A 91 -10.93 -3.15 14.82
N ARG A 92 -11.19 -3.21 16.11
CA ARG A 92 -12.48 -2.79 16.67
C ARG A 92 -12.65 -1.28 16.72
N ARG A 93 -11.55 -0.55 16.85
CA ARG A 93 -11.58 0.91 16.99
C ARG A 93 -10.49 1.54 16.12
N PRO A 94 -10.72 1.53 14.80
CA PRO A 94 -9.70 1.94 13.84
C PRO A 94 -9.65 3.47 13.66
N ASP A 95 -9.47 4.19 14.75
CA ASP A 95 -9.60 5.63 14.76
C ASP A 95 -8.54 6.33 13.93
N GLY A 96 -7.44 5.64 13.68
CA GLY A 96 -6.34 6.18 12.86
C GLY A 96 -6.32 5.71 11.41
N ARG A 97 -7.37 4.99 11.00
CA ARG A 97 -7.53 4.47 9.59
C ARG A 97 -7.31 5.69 8.64
N ASP A 98 -6.52 5.60 7.58
CA ASP A 98 -5.49 4.58 7.28
C ASP A 98 -4.16 5.02 7.88
N TYR A 99 -3.47 4.15 8.57
CA TYR A 99 -2.07 4.43 8.96
C TYR A 99 -1.19 4.09 7.78
N VAL A 100 -0.35 5.03 7.35
CA VAL A 100 0.50 4.81 6.21
C VAL A 100 1.94 4.42 6.61
N HIS A 101 2.28 3.17 6.31
CA HIS A 101 3.58 2.63 6.55
C HIS A 101 4.64 3.01 5.53
N TRP A 102 4.24 3.24 4.28
CA TRP A 102 5.22 3.31 3.18
C TRP A 102 4.53 3.88 1.98
N ALA A 103 5.20 4.80 1.29
CA ALA A 103 4.74 5.33 0.01
C ALA A 103 5.92 5.56 -0.89
N VAL A 104 5.93 4.90 -2.05
CA VAL A 104 7.00 5.03 -3.02
C VAL A 104 6.35 5.19 -4.38
N SER A 105 6.89 6.15 -5.15
CA SER A 105 6.32 6.54 -6.42
C SER A 105 7.37 6.56 -7.50
N GLY A 106 7.04 6.18 -8.72
CA GLY A 106 8.00 6.24 -9.82
C GLY A 106 8.44 4.92 -10.39
N ILE A 107 7.88 3.83 -9.89
CA ILE A 107 8.30 2.47 -10.27
C ILE A 107 7.99 2.22 -11.74
N LYS A 108 9.00 1.77 -12.49
CA LYS A 108 8.91 1.48 -13.92
C LYS A 108 9.13 0.00 -14.23
N SER A 109 9.73 -0.73 -13.29
N SER A 109 9.80 -0.73 -13.37
CA SER A 109 10.26 -2.08 -13.52
CA SER A 109 10.14 -2.09 -13.72
C SER A 109 9.30 -3.14 -12.98
C SER A 109 9.06 -3.08 -13.28
N LYS A 110 9.31 -4.34 -13.55
CA LYS A 110 8.50 -5.43 -12.99
C LYS A 110 9.01 -5.92 -11.65
N GLU A 111 10.18 -5.45 -11.21
CA GLU A 111 10.80 -5.93 -9.98
C GLU A 111 11.24 -4.73 -9.14
N LEU A 112 10.93 -4.76 -7.86
CA LEU A 112 11.41 -3.77 -6.91
C LEU A 112 12.13 -4.50 -5.81
N VAL A 113 13.41 -4.21 -5.67
CA VAL A 113 14.29 -4.90 -4.74
C VAL A 113 14.68 -3.94 -3.63
N LYS A 114 14.36 -4.30 -2.40
CA LYS A 114 14.63 -3.46 -1.22
CA LYS A 114 14.61 -3.48 -1.22
C LYS A 114 14.01 -2.08 -1.36
N GLY A 115 12.87 -2.00 -2.03
CA GLY A 115 12.00 -0.85 -1.90
C GLY A 115 12.33 0.36 -2.74
N THR A 116 13.34 0.29 -3.61
CA THR A 116 13.73 1.48 -4.37
C THR A 116 14.60 1.11 -5.57
N ASP A 117 14.71 2.04 -6.50
CA ASP A 117 15.65 2.05 -7.59
C ASP A 117 15.83 3.48 -8.06
N LYS A 118 16.56 3.66 -9.18
CA LYS A 118 16.91 4.99 -9.66
C LYS A 118 15.70 5.85 -10.00
N ASN A 119 14.57 5.22 -10.31
CA ASN A 119 13.35 5.92 -10.74
C ASN A 119 12.47 6.37 -9.61
N CYS A 120 12.69 5.80 -8.43
CA CYS A 120 11.70 5.90 -7.37
CA CYS A 120 11.74 5.86 -7.32
C CYS A 120 11.92 7.10 -6.46
N ILE A 121 10.84 7.71 -6.06
CA ILE A 121 10.82 8.75 -5.04
C ILE A 121 10.15 8.13 -3.83
N THR A 122 10.84 8.09 -2.72
CA THR A 122 10.28 7.62 -1.48
C THR A 122 9.57 8.76 -0.74
N LEU A 123 8.27 8.82 -0.88
CA LEU A 123 7.49 9.91 -0.31
C LEU A 123 7.31 9.73 1.20
N LEU A 124 7.20 8.46 1.63
CA LEU A 124 7.20 8.12 3.05
C LEU A 124 8.02 6.85 3.22
N PRO A 125 9.16 6.93 3.95
N PRO A 125 9.21 6.95 3.85
CA PRO A 125 9.98 5.74 4.02
CA PRO A 125 10.04 5.78 4.13
C PRO A 125 9.31 4.67 4.88
C PRO A 125 9.27 4.67 4.85
N TYR A 126 9.61 3.42 4.58
CA TYR A 126 9.00 2.28 5.23
C TYR A 126 9.17 2.33 6.73
N VAL A 127 8.09 2.15 7.47
CA VAL A 127 8.14 1.81 8.88
CA VAL A 127 8.08 1.87 8.90
C VAL A 127 7.23 0.63 9.09
N GLY A 128 7.71 -0.36 9.81
CA GLY A 128 6.95 -1.61 9.93
C GLY A 128 5.67 -1.50 10.74
N PRO A 129 4.79 -2.51 10.65
CA PRO A 129 3.52 -2.55 11.35
C PRO A 129 3.58 -2.18 12.78
N SER A 130 2.55 -1.47 13.19
CA SER A 130 2.46 -0.91 14.51
C SER A 130 1.28 -1.55 15.21
N ILE A 131 1.52 -2.69 15.86
CA ILE A 131 0.41 -3.49 16.37
C ILE A 131 0.63 -3.87 17.82
N LYS A 132 -0.22 -3.36 18.71
CA LYS A 132 -0.20 -3.76 20.10
C LYS A 132 -0.92 -5.08 20.31
N LYS A 133 -0.52 -5.82 21.32
CA LYS A 133 -1.28 -6.98 21.76
C LYS A 133 -2.73 -6.64 22.08
N GLY A 134 -3.64 -7.52 21.65
CA GLY A 134 -5.04 -7.40 22.01
C GLY A 134 -5.84 -6.52 21.08
N THR A 135 -5.30 -6.21 19.91
CA THR A 135 -5.93 -5.27 18.96
C THR A 135 -6.45 -5.93 17.71
N GLY A 136 -6.68 -7.24 17.76
CA GLY A 136 -7.31 -7.96 16.67
C GLY A 136 -6.36 -8.22 15.52
N LEU A 137 -6.90 -8.72 14.41
CA LEU A 137 -6.15 -8.94 13.20
C LEU A 137 -6.20 -7.67 12.35
N HIS A 138 -5.06 -7.23 11.91
CA HIS A 138 -4.92 -6.04 11.07
C HIS A 138 -4.72 -6.45 9.63
N ARG A 139 -5.52 -5.89 8.73
CA ARG A 139 -5.42 -6.17 7.30
C ARG A 139 -4.38 -5.25 6.68
N ILE A 140 -3.11 -5.61 6.85
CA ILE A 140 -2.01 -4.82 6.32
C ILE A 140 -2.04 -4.95 4.79
N SER A 141 -2.22 -3.81 4.12
CA SER A 141 -2.61 -3.78 2.74
C SER A 141 -1.63 -3.00 1.88
N PHE A 142 -1.51 -3.44 0.64
CA PHE A 142 -0.64 -2.84 -0.35
C PHE A 142 -1.48 -2.44 -1.55
N ILE A 143 -1.51 -1.16 -1.90
CA ILE A 143 -2.32 -0.65 -2.98
C ILE A 143 -1.39 -0.09 -4.08
N LEU A 144 -1.56 -0.59 -5.27
CA LEU A 144 -0.76 -0.23 -6.42
C LEU A 144 -1.58 0.58 -7.40
N SER A 145 -1.10 1.77 -7.77
CA SER A 145 -1.82 2.66 -8.66
C SER A 145 -0.89 3.19 -9.74
N LEU A 146 -1.46 3.73 -10.79
CA LEU A 146 -0.73 4.43 -11.86
C LEU A 146 -0.79 5.93 -11.64
N VAL A 147 0.36 6.55 -11.83
CA VAL A 147 0.53 7.98 -11.83
C VAL A 147 1.31 8.38 -13.07
N LYS A 148 0.97 9.51 -13.66
CA LYS A 148 1.78 10.04 -14.76
C LYS A 148 3.21 10.25 -14.29
N GLU A 149 4.16 9.92 -15.15
CA GLU A 149 5.57 10.13 -14.83
C GLU A 149 5.81 11.57 -14.37
N GLU A 150 5.22 12.53 -15.07
CA GLU A 150 5.47 13.94 -14.75
C GLU A 150 4.95 14.33 -13.37
N ASN A 151 4.05 13.52 -12.80
CA ASN A 151 3.42 13.82 -11.50
C ASN A 151 3.93 12.94 -10.37
N LYS A 152 4.92 12.11 -10.66
CA LYS A 152 5.33 11.11 -9.68
C LYS A 152 5.84 11.73 -8.38
N GLY A 153 6.32 12.97 -8.43
CA GLY A 153 6.75 13.67 -7.22
C GLY A 153 5.90 14.85 -6.86
N ASN A 154 4.69 14.88 -7.41
CA ASN A 154 3.75 15.96 -7.20
CA ASN A 154 3.75 15.96 -7.16
C ASN A 154 2.40 15.39 -6.81
N VAL A 155 2.37 14.77 -5.65
CA VAL A 155 1.18 14.07 -5.16
C VAL A 155 0.54 14.96 -4.12
N THR A 156 -0.61 15.52 -4.43
CA THR A 156 -1.32 16.35 -3.48
CA THR A 156 -1.24 16.37 -3.43
C THR A 156 -1.62 15.51 -2.23
N GLY A 157 -1.30 16.03 -1.05
CA GLY A 157 -1.53 15.30 0.19
C GLY A 157 -0.32 14.54 0.72
N VAL A 158 0.65 14.28 -0.16
CA VAL A 158 1.82 13.51 0.20
C VAL A 158 3.06 14.19 -0.39
N PRO A 159 3.52 15.24 0.28
CA PRO A 159 4.61 15.98 -0.33
CA PRO A 159 4.64 16.07 -0.13
C PRO A 159 5.92 15.26 -0.30
N LEU A 160 6.85 15.76 -1.07
CA LEU A 160 8.20 15.22 -1.00
C LEU A 160 8.68 15.19 0.43
N TYR A 161 9.36 14.11 0.77
CA TYR A 161 9.70 13.80 2.16
C TYR A 161 10.80 14.73 2.71
N ARG A 162 10.59 15.23 3.91
CA ARG A 162 11.50 16.10 4.64
C ARG A 162 11.69 15.61 6.07
N GLY A 163 11.27 14.40 6.33
CA GLY A 163 11.34 13.87 7.68
C GLY A 163 9.99 13.73 8.34
N GLU A 164 9.99 13.00 9.44
CA GLU A 164 8.76 12.73 10.15
C GLU A 164 8.12 13.96 10.76
N HIS A 165 8.85 15.04 10.99
CA HIS A 165 8.27 16.23 11.59
C HIS A 165 7.24 16.88 10.69
N TYR A 166 7.32 16.65 9.39
CA TYR A 166 6.53 17.41 8.45
C TYR A 166 5.31 16.64 7.95
N ILE A 167 5.14 15.41 8.40
CA ILE A 167 4.02 14.57 8.02
C ILE A 167 3.50 13.82 9.23
N THR A 168 2.34 13.18 9.09
CA THR A 168 1.88 12.23 10.08
C THR A 168 1.46 10.97 9.36
N ARG A 169 1.72 9.81 9.95
CA ARG A 169 1.26 8.56 9.34
CA ARG A 169 1.29 8.52 9.39
C ARG A 169 -0.16 8.19 9.72
N VAL A 170 -0.72 8.84 10.72
CA VAL A 170 -2.08 8.59 11.16
C VAL A 170 -3.04 9.28 10.21
N LYS A 171 -4.14 8.60 9.85
CA LYS A 171 -5.13 9.19 8.93
C LYS A 171 -4.45 9.70 7.65
N PHE A 172 -3.50 8.92 7.16
CA PHE A 172 -2.85 9.11 5.88
C PHE A 172 -2.41 10.56 5.68
N ASN A 173 -1.54 11.01 6.57
CA ASN A 173 -1.01 12.38 6.50
C ASN A 173 -2.10 13.41 6.48
N ASN A 174 -3.12 13.18 7.28
CA ASN A 174 -4.28 14.07 7.38
C ASN A 174 -5.05 14.18 6.06
N CYS A 175 -4.98 13.14 5.22
CA CYS A 175 -5.87 13.04 4.05
CA CYS A 175 -5.80 12.98 4.01
C CYS A 175 -6.86 11.88 4.18
N GLN A 176 -6.87 11.29 5.37
CA GLN A 176 -7.82 10.29 5.82
C GLN A 176 -7.49 8.89 5.28
N SER A 177 -7.50 8.69 3.97
CA SER A 177 -7.34 7.37 3.40
C SER A 177 -6.49 7.35 2.16
N ALA A 178 -5.88 6.19 1.90
CA ALA A 178 -5.16 5.99 0.66
C ALA A 178 -6.08 6.21 -0.53
N TYR A 179 -7.29 5.66 -0.48
CA TYR A 179 -8.21 5.80 -1.59
C TYR A 179 -8.47 7.29 -1.88
N ASN A 180 -8.65 8.07 -0.81
CA ASN A 180 -8.89 9.50 -1.00
C ASN A 180 -7.72 10.17 -1.75
N VAL A 181 -6.51 9.88 -1.31
CA VAL A 181 -5.33 10.41 -1.98
C VAL A 181 -5.24 10.01 -3.45
N ILE A 182 -5.55 8.75 -3.73
CA ILE A 182 -5.51 8.27 -5.08
C ILE A 182 -6.52 9.00 -5.96
N GLN A 183 -7.74 9.12 -5.48
CA GLN A 183 -8.79 9.66 -6.33
C GLN A 183 -8.60 11.16 -6.47
N MSE A 184 -8.15 11.86 -5.43
CA MSE A 184 -7.97 13.31 -5.50
CA MSE A 184 -7.99 13.31 -5.53
C MSE A 184 -6.82 13.71 -6.43
O MSE A 184 -6.75 14.85 -6.89
CB MSE A 184 -7.67 13.88 -4.11
CB MSE A 184 -7.92 13.95 -4.14
CG MSE A 184 -6.28 13.54 -3.61
CG MSE A 184 -6.59 13.81 -3.39
SE MSE A 184 -5.59 14.63 -2.12
SE MSE A 184 -6.88 14.01 -1.40
CE MSE A 184 -6.51 13.92 -0.63
CE MSE A 184 -5.16 14.78 -1.04
N ASN A 185 -5.90 12.76 -6.68
CA ASN A 185 -4.79 12.95 -7.61
C ASN A 185 -5.05 12.36 -9.00
N ASP A 186 -6.27 11.92 -9.21
CA ASP A 186 -6.66 11.32 -10.51
C ASP A 186 -5.77 10.14 -10.88
N MSE A 187 -5.36 9.36 -9.89
CA MSE A 187 -4.59 8.15 -10.13
CA MSE A 187 -4.61 8.13 -10.14
C MSE A 187 -5.53 6.98 -10.36
O MSE A 187 -6.71 7.07 -10.05
CB MSE A 187 -3.65 7.91 -8.95
CB MSE A 187 -3.73 7.80 -8.95
CG MSE A 187 -2.59 9.00 -8.77
CG MSE A 187 -2.93 8.93 -8.51
SE MSE A 187 -1.76 8.90 -6.97
SE MSE A 187 -2.03 8.49 -6.88
CE MSE A 187 -0.30 10.12 -7.23
CE MSE A 187 -0.53 9.68 -7.16
N LYS A 188 -5.03 5.88 -10.90
CA LYS A 188 -5.84 4.70 -11.20
C LYS A 188 -5.34 3.51 -10.38
N ILE A 189 -6.18 2.91 -9.54
CA ILE A 189 -5.79 1.71 -8.82
C ILE A 189 -5.74 0.55 -9.79
N VAL A 190 -4.66 -0.21 -9.73
CA VAL A 190 -4.47 -1.35 -10.64
C VAL A 190 -4.07 -2.68 -9.99
N GLY A 191 -3.72 -2.65 -8.71
CA GLY A 191 -3.30 -3.85 -8.02
C GLY A 191 -3.50 -3.72 -6.53
N PHE A 192 -3.57 -4.88 -5.88
CA PHE A 192 -3.80 -4.94 -4.44
C PHE A 192 -3.31 -6.25 -3.88
N ASN A 193 -2.75 -6.23 -2.68
CA ASN A 193 -2.53 -7.48 -1.94
C ASN A 193 -2.59 -7.12 -0.48
N TRP A 194 -2.80 -8.13 0.38
CA TRP A 194 -2.88 -7.87 1.81
C TRP A 194 -2.61 -9.15 2.55
N CYS A 195 -2.36 -8.98 3.85
CA CYS A 195 -2.25 -10.10 4.79
C CYS A 195 -2.95 -9.70 6.06
N GLN A 196 -3.07 -10.66 6.98
CA GLN A 196 -3.57 -10.40 8.32
C GLN A 196 -2.45 -10.55 9.34
N MSE A 197 -2.31 -9.60 10.24
CA MSE A 197 -1.24 -9.61 11.22
CA MSE A 197 -1.25 -9.65 11.24
C MSE A 197 -1.82 -9.35 12.60
O MSE A 197 -2.68 -8.48 12.75
CB MSE A 197 -0.25 -8.50 10.86
CB MSE A 197 -0.18 -8.59 10.95
CG MSE A 197 1.18 -8.79 11.18
CG MSE A 197 0.74 -8.93 9.79
SE MSE A 197 2.34 -7.66 10.12
SE MSE A 197 2.14 -7.58 9.57
CE MSE A 197 2.22 -8.58 8.39
CE MSE A 197 3.43 -8.30 10.72
N ARG A 198 -1.34 -10.06 13.62
CA ARG A 198 -1.64 -9.73 15.00
C ARG A 198 -0.38 -9.86 15.83
N ARG A 199 -0.36 -9.22 16.99
CA ARG A 199 0.73 -9.46 17.92
C ARG A 199 0.41 -10.63 18.84
N LYS A 200 1.30 -11.61 18.84
CA LYS A 200 1.27 -12.69 19.82
C LYS A 200 1.65 -12.18 21.20
#